data_4R3A
#
_entry.id   4R3A
#
_cell.length_a   98.882
_cell.length_b   98.882
_cell.length_c   422.255
_cell.angle_alpha   90.00
_cell.angle_beta   90.00
_cell.angle_gamma   120.00
#
_symmetry.space_group_name_H-M   'H 3 2'
#
loop_
_entity.id
_entity.type
_entity.pdbx_description
1 polymer 'Blue-light-activated histidine kinase 2'
2 non-polymer 'MAGNESIUM ION'
3 non-polymer 'PHOSPHOAMINOPHOSPHONIC ACID-ADENYLATE ESTER'
4 non-polymer RIBOFLAVIN
#
_entity_poly.entity_id   1
_entity_poly.type   'polypeptide(L)'
_entity_poly.pdbx_seq_one_letter_code
;GEFKGLMAVGLAEHDKEAWGRLPFSLTIADISQDDEPLIYVNRAFEQMTGYSRSSVVGRNCRFLQGEKTDPGAVERLAKA
IRNCEEVEETIYNYRADGEGFWNHLLMGPLEDQDEKCRYFVGIQVDMGQSESPDRATELDRQLAEVQHRVKNHLAMIVSM
IRIQSSQAGGVGSQFDSLSRRVEALQLLYQEMDIAGAAKATDKIIPLGAYLGRIASAINHIDGRGAIKVNVQADTVDVPV
ETAGRIGLLVSEVLTNALQHAFSDRASGVVQLRSSVMSGEQLRVTVEDDGRGIPEDCDWPNEGNLGSRIVRQLVQGLGAE
LNVTRGGTGTIVNIDIPLSQQKTLIADERTKD
;
_entity_poly.pdbx_strand_id   A,B
#
# COMPACT_ATOMS: atom_id res chain seq x y z
N HIS A 14 -10.95 15.94 -0.52
CA HIS A 14 -10.19 15.88 0.71
C HIS A 14 -10.26 14.46 1.28
N ASP A 15 -11.46 14.07 1.70
CA ASP A 15 -11.73 12.69 2.10
C ASP A 15 -12.34 11.94 0.92
N LYS A 16 -13.07 12.66 0.08
CA LYS A 16 -13.67 12.10 -1.12
C LYS A 16 -12.64 11.32 -1.94
N GLU A 17 -11.54 11.99 -2.27
CA GLU A 17 -10.46 11.36 -3.02
C GLU A 17 -9.83 10.24 -2.21
N ALA A 18 -9.57 10.51 -0.93
CA ALA A 18 -8.97 9.51 -0.05
C ALA A 18 -9.80 8.24 -0.01
N TRP A 19 -11.03 8.35 0.48
CA TRP A 19 -11.94 7.21 0.54
C TRP A 19 -12.16 6.59 -0.84
N GLY A 20 -12.07 7.42 -1.88
CA GLY A 20 -12.41 6.99 -3.23
C GLY A 20 -11.35 6.16 -3.91
N ARG A 21 -10.08 6.44 -3.63
CA ARG A 21 -8.96 5.71 -4.23
C ARG A 21 -9.05 4.21 -3.98
N LEU A 22 -9.90 3.81 -3.04
CA LEU A 22 -10.04 2.41 -2.68
C LEU A 22 -10.50 1.58 -3.88
N PRO A 23 -10.11 0.29 -3.91
CA PRO A 23 -10.39 -0.56 -5.06
C PRO A 23 -11.76 -1.22 -5.03
N PHE A 24 -12.30 -1.46 -3.84
CA PHE A 24 -13.64 -1.99 -3.78
C PHE A 24 -14.68 -0.89 -3.86
N SER A 25 -15.81 -1.27 -4.44
CA SER A 25 -16.95 -0.43 -4.73
C SER A 25 -18.11 -1.24 -4.20
N LEU A 26 -18.98 -0.64 -3.39
CA LEU A 26 -20.06 -1.40 -2.80
C LEU A 26 -21.39 -0.71 -2.91
N THR A 27 -22.37 -1.54 -3.21
CA THR A 27 -23.74 -1.15 -3.43
C THR A 27 -24.69 -2.07 -2.69
N ILE A 28 -25.81 -1.51 -2.24
CA ILE A 28 -26.87 -2.28 -1.62
C ILE A 28 -28.18 -1.92 -2.28
N ALA A 29 -28.94 -2.95 -2.65
CA ALA A 29 -30.25 -2.78 -3.28
C ALA A 29 -31.37 -3.41 -2.45
N ASP A 30 -32.54 -2.78 -2.50
CA ASP A 30 -33.76 -3.34 -1.91
C ASP A 30 -34.56 -4.07 -3.01
N ILE A 31 -34.40 -5.38 -3.10
CA ILE A 31 -35.04 -6.11 -4.19
C ILE A 31 -36.52 -6.38 -3.89
N SER A 32 -36.98 -5.95 -2.71
CA SER A 32 -38.41 -6.05 -2.40
C SER A 32 -39.17 -4.89 -3.05
N GLN A 33 -38.47 -3.81 -3.36
CA GLN A 33 -39.08 -2.62 -3.96
C GLN A 33 -39.15 -2.78 -5.48
N ASP A 34 -40.13 -2.15 -6.12
CA ASP A 34 -40.28 -2.23 -7.56
C ASP A 34 -39.01 -1.85 -8.32
N ASP A 35 -38.56 -2.77 -9.18
CA ASP A 35 -37.39 -2.58 -10.04
C ASP A 35 -36.06 -2.62 -9.28
N GLU A 36 -36.09 -3.14 -8.05
CA GLU A 36 -34.87 -3.42 -7.29
C GLU A 36 -33.90 -2.23 -7.27
N PRO A 37 -34.35 -1.09 -6.73
CA PRO A 37 -33.56 0.14 -6.67
C PRO A 37 -32.36 0.05 -5.72
N LEU A 38 -31.27 0.69 -6.10
CA LEU A 38 -30.15 0.93 -5.20
C LEU A 38 -30.61 1.80 -4.05
N ILE A 39 -30.25 1.43 -2.83
CA ILE A 39 -30.53 2.24 -1.66
C ILE A 39 -29.25 2.82 -1.08
N TYR A 40 -28.11 2.26 -1.44
CA TYR A 40 -26.83 2.72 -0.94
C TYR A 40 -25.74 2.43 -1.94
N VAL A 41 -24.84 3.40 -2.12
CA VAL A 41 -23.58 3.20 -2.83
C VAL A 41 -22.48 3.96 -2.09
N ASN A 42 -21.24 3.54 -2.29
CA ASN A 42 -20.11 4.18 -1.63
C ASN A 42 -19.35 5.10 -2.59
N ARG A 43 -18.31 5.72 -2.05
CA ARG A 43 -17.49 6.66 -2.80
C ARG A 43 -16.78 6.06 -4.00
N ALA A 44 -16.35 4.83 -3.87
CA ALA A 44 -15.66 4.13 -4.94
C ALA A 44 -16.59 3.97 -6.13
N PHE A 45 -17.86 3.74 -5.85
CA PHE A 45 -18.86 3.65 -6.89
C PHE A 45 -19.00 4.98 -7.62
N GLU A 46 -19.08 6.08 -6.88
CA GLU A 46 -19.13 7.39 -7.52
C GLU A 46 -17.92 7.62 -8.42
N GLN A 47 -16.73 7.29 -7.92
CA GLN A 47 -15.52 7.52 -8.70
C GLN A 47 -15.43 6.62 -9.92
N MET A 48 -15.78 5.36 -9.72
CA MET A 48 -15.75 4.37 -10.79
C MET A 48 -16.73 4.68 -11.91
N THR A 49 -17.97 5.02 -11.53
CA THR A 49 -19.05 5.12 -12.50
C THR A 49 -19.24 6.54 -13.05
N GLY A 50 -18.74 7.53 -12.33
CA GLY A 50 -18.92 8.91 -12.73
C GLY A 50 -20.26 9.48 -12.32
N TYR A 51 -21.07 8.67 -11.65
CA TYR A 51 -22.40 9.09 -11.19
C TYR A 51 -22.28 9.52 -9.74
N SER A 52 -23.02 10.54 -9.32
CA SER A 52 -23.08 10.87 -7.90
C SER A 52 -24.05 9.95 -7.18
N ARG A 53 -23.82 9.76 -5.89
CA ARG A 53 -24.71 8.96 -5.06
C ARG A 53 -26.13 9.50 -5.10
N SER A 54 -26.25 10.82 -5.08
CA SER A 54 -27.55 11.48 -5.15
C SER A 54 -28.34 11.06 -6.37
N SER A 55 -27.63 10.94 -7.49
CA SER A 55 -28.20 10.61 -8.79
C SER A 55 -28.68 9.16 -8.92
N VAL A 56 -28.04 8.26 -8.19
CA VAL A 56 -28.14 6.82 -8.45
C VAL A 56 -29.17 6.14 -7.57
N VAL A 57 -29.27 6.58 -6.32
CA VAL A 57 -30.16 5.95 -5.36
C VAL A 57 -31.60 6.04 -5.87
N GLY A 58 -32.30 4.92 -5.81
CA GLY A 58 -33.67 4.85 -6.25
C GLY A 58 -33.79 4.27 -7.65
N ARG A 59 -32.66 4.02 -8.29
CA ARG A 59 -32.64 3.48 -9.66
C ARG A 59 -31.99 2.10 -9.66
N ASN A 60 -32.42 1.23 -10.58
CA ASN A 60 -31.76 -0.06 -10.78
C ASN A 60 -30.36 0.10 -11.35
N CYS A 61 -29.41 -0.67 -10.85
CA CYS A 61 -28.01 -0.51 -11.21
C CYS A 61 -27.71 -0.82 -12.70
N ARG A 62 -28.71 -1.32 -13.43
CA ARG A 62 -28.50 -1.73 -14.82
C ARG A 62 -28.19 -0.56 -15.76
N PHE A 63 -28.25 0.65 -15.26
CA PHE A 63 -27.85 1.81 -16.04
C PHE A 63 -26.36 1.74 -16.43
N LEU A 64 -25.58 0.92 -15.73
CA LEU A 64 -24.17 0.76 -16.06
C LEU A 64 -23.95 -0.09 -17.31
N GLN A 65 -24.99 -0.78 -17.78
CA GLN A 65 -24.84 -1.70 -18.89
C GLN A 65 -25.02 -0.98 -20.23
N GLY A 66 -24.58 -1.59 -21.31
CA GLY A 66 -24.78 -1.03 -22.64
C GLY A 66 -24.48 -1.99 -23.77
N GLU A 67 -24.05 -1.44 -24.91
CA GLU A 67 -23.93 -2.20 -26.15
C GLU A 67 -23.14 -3.52 -26.04
N LYS A 68 -21.98 -3.45 -25.40
CA LYS A 68 -21.07 -4.60 -25.37
C LYS A 68 -21.34 -5.50 -24.17
N THR A 69 -22.31 -5.11 -23.35
CA THR A 69 -22.68 -5.91 -22.19
C THR A 69 -23.23 -7.23 -22.68
N ASP A 70 -22.71 -8.32 -22.14
CA ASP A 70 -23.12 -9.65 -22.56
C ASP A 70 -24.48 -10.00 -21.95
N PRO A 71 -25.48 -10.32 -22.80
CA PRO A 71 -26.78 -10.73 -22.28
C PRO A 71 -26.73 -12.01 -21.47
N GLY A 72 -25.78 -12.88 -21.76
CA GLY A 72 -25.65 -14.11 -21.02
C GLY A 72 -25.39 -13.80 -19.56
N ALA A 73 -24.37 -12.97 -19.33
CA ALA A 73 -24.03 -12.55 -17.98
C ALA A 73 -25.19 -11.84 -17.29
N VAL A 74 -25.89 -10.97 -18.02
CA VAL A 74 -27.03 -10.25 -17.45
C VAL A 74 -28.13 -11.17 -16.99
N GLU A 75 -28.44 -12.18 -17.81
CA GLU A 75 -29.44 -13.17 -17.48
C GLU A 75 -29.07 -13.92 -16.22
N ARG A 76 -27.78 -14.22 -16.07
CA ARG A 76 -27.32 -14.96 -14.92
C ARG A 76 -27.45 -14.11 -13.67
N LEU A 77 -27.24 -12.80 -13.81
CA LEU A 77 -27.47 -11.91 -12.68
C LEU A 77 -28.95 -11.91 -12.34
N ALA A 78 -29.79 -11.83 -13.37
CA ALA A 78 -31.24 -11.77 -13.18
C ALA A 78 -31.72 -13.04 -12.49
N LYS A 79 -31.18 -14.18 -12.92
CA LYS A 79 -31.55 -15.46 -12.37
C LYS A 79 -31.12 -15.54 -10.90
N ALA A 80 -29.92 -15.02 -10.61
CA ALA A 80 -29.39 -15.04 -9.26
C ALA A 80 -30.26 -14.25 -8.29
N ILE A 81 -30.73 -13.08 -8.72
CA ILE A 81 -31.58 -12.28 -7.87
C ILE A 81 -32.87 -13.03 -7.60
N ARG A 82 -33.47 -13.59 -8.65
CA ARG A 82 -34.72 -14.35 -8.52
C ARG A 82 -34.60 -15.60 -7.64
N ASN A 83 -33.42 -16.21 -7.64
CA ASN A 83 -33.20 -17.44 -6.89
C ASN A 83 -32.55 -17.21 -5.54
N CYS A 84 -32.36 -15.94 -5.21
CA CYS A 84 -31.73 -15.55 -3.96
C CYS A 84 -30.37 -16.25 -3.81
N GLU A 85 -29.58 -16.19 -4.88
CA GLU A 85 -28.27 -16.84 -4.94
C GLU A 85 -27.11 -15.86 -5.11
N GLU A 86 -25.96 -16.25 -4.57
CA GLU A 86 -24.69 -15.57 -4.82
C GLU A 86 -24.31 -15.73 -6.28
N VAL A 87 -23.67 -14.73 -6.86
CA VAL A 87 -23.21 -14.82 -8.24
C VAL A 87 -21.98 -13.96 -8.44
N GLU A 88 -21.13 -14.39 -9.36
CA GLU A 88 -19.88 -13.70 -9.67
C GLU A 88 -19.69 -13.67 -11.18
N GLU A 89 -19.68 -12.48 -11.76
CA GLU A 89 -19.43 -12.32 -13.19
C GLU A 89 -18.50 -11.16 -13.47
N THR A 90 -17.66 -11.30 -14.49
CA THR A 90 -16.90 -10.15 -14.99
C THR A 90 -17.70 -9.61 -16.16
N ILE A 91 -18.16 -8.37 -16.02
CA ILE A 91 -19.12 -7.80 -16.97
C ILE A 91 -18.68 -6.45 -17.50
N TYR A 92 -18.96 -6.19 -18.77
CA TYR A 92 -18.61 -4.92 -19.38
C TYR A 92 -19.65 -3.87 -19.02
N ASN A 93 -19.19 -2.73 -18.51
CA ASN A 93 -20.05 -1.67 -18.01
C ASN A 93 -19.59 -0.34 -18.59
N TYR A 94 -20.39 0.72 -18.37
CA TYR A 94 -20.06 2.03 -18.94
C TYR A 94 -20.23 3.10 -17.87
N ARG A 95 -19.21 3.94 -17.76
CA ARG A 95 -19.25 5.08 -16.86
C ARG A 95 -20.18 6.16 -17.39
N ALA A 96 -20.46 7.14 -16.53
CA ALA A 96 -21.33 8.25 -16.87
C ALA A 96 -20.86 9.01 -18.11
N ASP A 97 -19.55 9.08 -18.32
CA ASP A 97 -19.00 9.80 -19.47
C ASP A 97 -18.93 8.94 -20.72
N GLY A 98 -19.46 7.72 -20.65
CA GLY A 98 -19.53 6.83 -21.79
C GLY A 98 -18.37 5.87 -21.88
N GLU A 99 -17.36 6.06 -21.04
CA GLU A 99 -16.19 5.19 -21.06
C GLU A 99 -16.54 3.76 -20.64
N GLY A 100 -16.16 2.79 -21.46
CA GLY A 100 -16.42 1.40 -21.16
C GLY A 100 -15.33 0.79 -20.29
N PHE A 101 -15.69 -0.17 -19.44
CA PHE A 101 -14.70 -0.88 -18.63
C PHE A 101 -15.22 -2.25 -18.22
N TRP A 102 -14.31 -3.18 -17.95
CA TRP A 102 -14.69 -4.48 -17.41
C TRP A 102 -14.84 -4.40 -15.89
N ASN A 103 -15.99 -4.86 -15.42
CA ASN A 103 -16.36 -4.82 -14.01
C ASN A 103 -16.47 -6.20 -13.41
N HIS A 104 -15.60 -6.55 -12.48
CA HIS A 104 -15.73 -7.84 -11.79
C HIS A 104 -16.69 -7.68 -10.62
N LEU A 105 -17.89 -8.20 -10.82
CA LEU A 105 -19.01 -8.04 -9.90
C LEU A 105 -19.24 -9.28 -9.04
N LEU A 106 -19.32 -9.11 -7.72
CA LEU A 106 -19.67 -10.20 -6.82
C LEU A 106 -20.84 -9.76 -5.98
N MET A 107 -21.93 -10.51 -6.07
CA MET A 107 -23.15 -10.15 -5.35
C MET A 107 -23.98 -11.34 -4.90
N GLY A 108 -24.94 -11.05 -4.03
CA GLY A 108 -25.85 -12.04 -3.51
C GLY A 108 -26.72 -11.41 -2.43
N PRO A 109 -27.68 -12.18 -1.89
CA PRO A 109 -28.49 -11.60 -0.83
C PRO A 109 -27.78 -11.11 0.43
N LEU A 110 -28.07 -9.89 0.88
CA LEU A 110 -27.58 -9.43 2.16
C LEU A 110 -28.50 -10.19 3.13
N GLU A 111 -28.13 -10.49 4.37
CA GLU A 111 -29.08 -11.26 5.20
C GLU A 111 -29.37 -10.63 6.56
N ASP A 112 -30.44 -9.85 6.57
CA ASP A 112 -30.93 -9.07 7.71
C ASP A 112 -31.07 -9.92 8.98
N GLN A 113 -31.81 -9.40 9.96
CA GLN A 113 -31.98 -10.05 11.24
C GLN A 113 -33.27 -10.80 10.97
N ASP A 114 -34.17 -10.09 10.27
CA ASP A 114 -35.46 -10.62 9.87
C ASP A 114 -35.23 -11.49 8.63
N GLU A 115 -35.56 -10.93 7.46
CA GLU A 115 -35.52 -11.64 6.18
C GLU A 115 -34.12 -12.01 5.67
N LYS A 116 -34.01 -13.17 5.05
CA LYS A 116 -32.77 -13.64 4.43
C LYS A 116 -32.53 -13.23 2.97
N CYS A 117 -33.54 -12.67 2.30
CA CYS A 117 -33.36 -12.30 0.89
C CYS A 117 -33.90 -10.93 0.44
N ARG A 118 -34.21 -10.04 1.38
CA ARG A 118 -34.85 -8.78 1.03
C ARG A 118 -33.85 -7.83 0.38
N TYR A 119 -32.62 -7.85 0.87
CA TYR A 119 -31.61 -6.88 0.45
C TYR A 119 -30.48 -7.63 -0.26
N PHE A 120 -29.96 -7.01 -1.31
CA PHE A 120 -28.80 -7.51 -2.01
C PHE A 120 -27.63 -6.56 -1.92
N VAL A 121 -26.45 -7.15 -1.88
CA VAL A 121 -25.19 -6.43 -1.86
C VAL A 121 -24.37 -6.92 -3.02
N GLY A 122 -23.59 -6.04 -3.61
CA GLY A 122 -22.78 -6.40 -4.75
C GLY A 122 -21.51 -5.62 -4.56
N ILE A 123 -20.38 -6.19 -4.95
CA ILE A 123 -19.15 -5.42 -4.95
C ILE A 123 -18.60 -5.34 -6.35
N GLN A 124 -17.99 -4.19 -6.66
CA GLN A 124 -17.45 -3.96 -7.98
C GLN A 124 -15.96 -3.64 -7.93
N VAL A 125 -15.17 -4.32 -8.76
CA VAL A 125 -13.75 -4.00 -8.88
C VAL A 125 -13.50 -3.57 -10.31
N ASP A 126 -13.04 -2.34 -10.48
CA ASP A 126 -12.74 -1.83 -11.82
C ASP A 126 -11.47 -2.49 -12.33
N MET A 127 -11.60 -3.30 -13.38
CA MET A 127 -10.46 -4.06 -13.91
C MET A 127 -9.91 -3.41 -15.18
N GLY A 128 -10.26 -2.15 -15.40
CA GLY A 128 -9.70 -1.41 -16.51
C GLY A 128 -10.36 -1.76 -17.83
N GLN A 129 -9.71 -1.35 -18.91
CA GLN A 129 -10.20 -1.63 -20.26
C GLN A 129 -9.44 -2.75 -20.96
N SER A 130 -10.13 -3.43 -21.87
CA SER A 130 -9.54 -4.43 -22.75
C SER A 130 -10.57 -4.78 -23.81
N GLU A 131 -10.12 -4.97 -25.05
CA GLU A 131 -11.03 -5.19 -26.17
C GLU A 131 -10.55 -6.34 -27.04
N ARG A 135 -9.37 -13.61 -18.85
CA ARG A 135 -8.00 -13.83 -18.39
C ARG A 135 -7.96 -14.13 -16.90
N ALA A 136 -6.91 -14.83 -16.47
CA ALA A 136 -6.70 -15.13 -15.06
C ALA A 136 -5.22 -15.36 -14.76
N THR A 137 -4.65 -14.47 -13.95
CA THR A 137 -3.29 -14.66 -13.45
C THR A 137 -3.37 -15.49 -12.17
N GLU A 138 -2.34 -15.42 -11.34
CA GLU A 138 -2.40 -16.01 -10.01
C GLU A 138 -2.69 -14.93 -8.98
N LEU A 139 -2.60 -13.67 -9.41
CA LEU A 139 -2.84 -12.54 -8.53
C LEU A 139 -4.36 -12.42 -8.48
N ASP A 140 -4.95 -12.65 -9.65
CA ASP A 140 -6.37 -12.49 -9.92
C ASP A 140 -7.18 -13.25 -8.87
N ARG A 141 -6.82 -14.51 -8.66
CA ARG A 141 -7.50 -15.37 -7.70
C ARG A 141 -7.25 -14.88 -6.29
N GLN A 142 -6.07 -14.33 -6.00
CA GLN A 142 -5.81 -13.80 -4.68
C GLN A 142 -6.72 -12.60 -4.47
N LEU A 143 -6.80 -11.74 -5.49
CA LEU A 143 -7.68 -10.56 -5.45
C LEU A 143 -9.15 -10.94 -5.27
N ALA A 144 -9.59 -11.97 -5.97
CA ALA A 144 -10.98 -12.43 -5.96
C ALA A 144 -11.35 -12.98 -4.60
N GLU A 145 -10.38 -13.62 -3.95
CA GLU A 145 -10.56 -14.19 -2.63
C GLU A 145 -10.88 -13.06 -1.66
N VAL A 146 -10.15 -11.97 -1.79
CA VAL A 146 -10.36 -10.75 -1.01
C VAL A 146 -11.80 -10.25 -1.21
N GLN A 147 -12.31 -10.24 -2.44
CA GLN A 147 -13.66 -9.71 -2.66
C GLN A 147 -14.65 -10.61 -1.94
N HIS A 148 -14.32 -11.89 -1.78
CA HIS A 148 -15.19 -12.78 -1.03
C HIS A 148 -15.06 -12.46 0.46
N ARG A 149 -13.83 -12.23 0.92
CA ARG A 149 -13.60 -11.83 2.31
C ARG A 149 -14.40 -10.57 2.66
N VAL A 150 -14.38 -9.61 1.75
CA VAL A 150 -15.19 -8.41 1.90
C VAL A 150 -16.68 -8.72 2.03
N LYS A 151 -17.24 -9.44 1.06
CA LYS A 151 -18.66 -9.72 1.10
C LYS A 151 -18.97 -10.55 2.34
N ASN A 152 -18.22 -11.62 2.51
CA ASN A 152 -18.41 -12.50 3.66
C ASN A 152 -18.36 -11.74 4.99
N HIS A 153 -17.35 -10.89 5.16
CA HIS A 153 -17.25 -10.13 6.40
C HIS A 153 -18.45 -9.21 6.59
N LEU A 154 -18.91 -8.61 5.48
CA LEU A 154 -20.05 -7.69 5.51
C LEU A 154 -21.30 -8.43 5.96
N ALA A 155 -21.49 -9.64 5.42
CA ALA A 155 -22.63 -10.46 5.77
C ALA A 155 -22.70 -10.74 7.27
N MET A 156 -21.61 -11.22 7.86
CA MET A 156 -21.63 -11.51 9.30
C MET A 156 -22.08 -10.28 10.10
N ILE A 157 -21.56 -9.11 9.71
CA ILE A 157 -21.89 -7.85 10.38
C ILE A 157 -23.37 -7.53 10.27
N VAL A 158 -23.86 -7.61 9.03
CA VAL A 158 -25.25 -7.36 8.69
C VAL A 158 -26.17 -8.30 9.43
N SER A 159 -25.90 -9.58 9.42
CA SER A 159 -26.84 -10.48 10.04
C SER A 159 -27.03 -10.15 11.50
N MET A 160 -25.98 -9.72 12.20
CA MET A 160 -26.19 -9.29 13.56
C MET A 160 -27.20 -8.12 13.65
N ILE A 161 -26.92 -7.05 12.90
CA ILE A 161 -27.77 -5.84 12.90
C ILE A 161 -29.17 -6.05 12.29
N ARG A 162 -29.91 -4.94 12.20
CA ARG A 162 -31.26 -4.92 11.67
C ARG A 162 -31.21 -3.75 10.71
N ILE A 163 -31.36 -4.02 9.42
CA ILE A 163 -31.48 -2.97 8.42
C ILE A 163 -32.72 -2.12 8.65
N GLN A 164 -32.46 -0.84 8.89
CA GLN A 164 -33.49 0.16 9.16
C GLN A 164 -34.11 0.70 7.88
N SER A 165 -35.34 1.20 7.98
CA SER A 165 -36.04 1.77 6.84
C SER A 165 -37.05 2.82 7.28
N ALA A 168 -33.35 8.88 4.87
CA ALA A 168 -32.45 8.50 3.80
C ALA A 168 -30.99 8.63 4.24
N GLY A 169 -30.67 9.77 4.84
CA GLY A 169 -29.33 10.02 5.33
C GLY A 169 -28.97 9.09 6.47
N GLY A 170 -29.93 8.87 7.36
CA GLY A 170 -29.74 7.96 8.49
C GLY A 170 -29.57 6.53 8.01
N VAL A 171 -30.28 6.19 6.95
CA VAL A 171 -30.12 4.88 6.32
C VAL A 171 -28.69 4.75 5.82
N GLY A 172 -28.20 5.82 5.21
CA GLY A 172 -26.84 5.86 4.72
C GLY A 172 -25.83 5.72 5.83
N SER A 173 -26.17 6.18 7.04
CA SER A 173 -25.24 6.06 8.15
C SER A 173 -25.15 4.62 8.63
N GLN A 174 -26.18 3.83 8.33
CA GLN A 174 -26.18 2.45 8.81
C GLN A 174 -25.25 1.70 7.88
N PHE A 175 -25.07 2.25 6.68
CA PHE A 175 -24.32 1.60 5.62
C PHE A 175 -22.95 2.24 5.48
N ASP A 176 -22.83 3.47 5.98
CA ASP A 176 -21.53 4.12 6.05
C ASP A 176 -20.66 3.42 7.09
N SER A 177 -21.30 2.83 8.11
CA SER A 177 -20.55 2.23 9.20
C SER A 177 -20.02 0.91 8.66
N LEU A 178 -20.88 0.18 7.95
CA LEU A 178 -20.53 -1.13 7.40
C LEU A 178 -19.32 -0.97 6.50
N SER A 179 -19.42 0.04 5.64
CA SER A 179 -18.40 0.35 4.63
C SER A 179 -17.04 0.58 5.29
N ARG A 180 -17.07 1.19 6.46
CA ARG A 180 -15.90 1.61 7.21
C ARG A 180 -15.09 0.42 7.72
N ARG A 181 -15.78 -0.66 8.09
CA ARG A 181 -15.11 -1.82 8.68
C ARG A 181 -14.36 -2.64 7.63
N VAL A 182 -14.90 -2.76 6.44
CA VAL A 182 -14.20 -3.38 5.31
C VAL A 182 -12.88 -2.64 4.94
N GLU A 183 -12.54 -1.57 5.66
CA GLU A 183 -11.33 -0.78 5.37
C GLU A 183 -10.00 -1.54 5.44
N ALA A 184 -9.88 -2.46 6.38
CA ALA A 184 -8.67 -3.25 6.51
C ALA A 184 -8.45 -4.06 5.23
N LEU A 185 -9.56 -4.55 4.66
CA LEU A 185 -9.52 -5.37 3.46
C LEU A 185 -9.25 -4.58 2.18
N GLN A 186 -9.70 -3.33 2.12
CA GLN A 186 -9.42 -2.51 0.94
C GLN A 186 -7.92 -2.17 0.94
N LEU A 187 -7.40 -1.84 2.12
CA LEU A 187 -5.97 -1.58 2.29
C LEU A 187 -5.14 -2.81 1.95
N LEU A 188 -5.68 -3.98 2.26
CA LEU A 188 -5.03 -5.24 1.95
C LEU A 188 -4.97 -5.49 0.45
N TYR A 189 -6.04 -5.16 -0.25
CA TYR A 189 -6.06 -5.33 -1.70
C TYR A 189 -4.94 -4.52 -2.34
N GLN A 190 -4.74 -3.30 -1.86
CA GLN A 190 -3.67 -2.43 -2.38
C GLN A 190 -2.26 -3.03 -2.20
N GLU A 191 -2.02 -3.61 -1.02
CA GLU A 191 -0.73 -4.25 -0.74
C GLU A 191 -0.55 -5.47 -1.62
N MET A 192 -1.65 -6.15 -1.87
CA MET A 192 -1.69 -7.34 -2.71
C MET A 192 -1.41 -7.02 -4.16
N ASP A 193 -1.96 -5.91 -4.63
CA ASP A 193 -1.80 -5.49 -6.02
C ASP A 193 -0.31 -5.36 -6.27
N ILE A 194 0.40 -4.76 -5.33
CA ILE A 194 1.85 -4.59 -5.46
C ILE A 194 2.52 -5.96 -5.37
N LYS A 203 3.21 -17.14 2.61
CA LYS A 203 3.52 -15.93 3.36
C LYS A 203 3.98 -14.83 2.41
N ILE A 204 3.08 -13.89 2.11
CA ILE A 204 3.32 -12.88 1.07
C ILE A 204 3.00 -11.45 1.50
N ILE A 205 2.30 -11.28 2.61
CA ILE A 205 1.91 -9.94 3.05
C ILE A 205 2.87 -9.46 4.16
N PRO A 206 3.54 -8.32 3.95
CA PRO A 206 4.39 -7.72 4.98
C PRO A 206 3.55 -7.07 6.05
N LEU A 207 3.36 -7.77 7.16
CA LEU A 207 2.44 -7.34 8.20
C LEU A 207 2.79 -5.97 8.76
N GLY A 208 4.07 -5.73 9.07
CA GLY A 208 4.46 -4.48 9.68
C GLY A 208 4.12 -3.29 8.82
N ALA A 209 4.38 -3.42 7.53
CA ALA A 209 4.07 -2.39 6.55
C ALA A 209 2.57 -2.13 6.54
N TYR A 210 1.83 -3.24 6.48
CA TYR A 210 0.38 -3.25 6.40
C TYR A 210 -0.24 -2.59 7.62
N LEU A 211 0.24 -2.95 8.81
CA LEU A 211 -0.26 -2.35 10.04
C LEU A 211 0.03 -0.86 10.09
N GLY A 212 1.16 -0.45 9.53
CA GLY A 212 1.51 0.96 9.49
C GLY A 212 0.49 1.76 8.70
N ARG A 213 -0.06 1.16 7.65
CA ARG A 213 -1.03 1.83 6.79
C ARG A 213 -2.41 1.81 7.42
N ILE A 214 -2.66 0.76 8.20
CA ILE A 214 -3.89 0.66 8.97
C ILE A 214 -3.96 1.75 10.02
N ALA A 215 -2.90 1.87 10.81
CA ALA A 215 -2.86 2.86 11.89
C ALA A 215 -3.00 4.26 11.33
N SER A 216 -2.33 4.54 10.22
CA SER A 216 -2.38 5.87 9.65
C SER A 216 -3.79 6.21 9.16
N ALA A 217 -4.41 5.27 8.45
CA ALA A 217 -5.77 5.47 7.94
C ALA A 217 -6.76 5.73 9.06
N ILE A 218 -6.65 4.92 10.11
CA ILE A 218 -7.58 4.98 11.25
C ILE A 218 -7.42 6.30 11.98
N ASN A 219 -6.18 6.67 12.25
CA ASN A 219 -5.88 7.92 12.94
C ASN A 219 -6.34 9.09 12.07
N HIS A 220 -6.23 8.90 10.75
CA HIS A 220 -6.66 9.91 9.78
C HIS A 220 -8.17 10.11 9.92
N ILE A 221 -8.90 9.00 9.99
CA ILE A 221 -10.35 9.03 10.11
C ILE A 221 -10.79 9.33 11.54
N ASP A 222 -10.27 8.57 12.50
CA ASP A 222 -10.80 8.61 13.86
C ASP A 222 -10.03 9.47 14.85
N GLY A 223 -8.98 10.16 14.43
CA GLY A 223 -8.24 10.98 15.37
C GLY A 223 -7.73 12.30 14.84
N ARG A 224 -6.99 13.01 15.69
CA ARG A 224 -6.58 14.38 15.41
C ARG A 224 -5.61 14.93 16.46
N GLY A 225 -4.82 15.92 16.06
CA GLY A 225 -3.85 16.59 16.90
C GLY A 225 -3.23 16.01 18.16
N ALA A 226 -3.82 16.33 19.32
CA ALA A 226 -3.40 15.79 20.61
C ALA A 226 -3.34 14.27 20.79
N ILE A 227 -3.73 13.50 19.77
CA ILE A 227 -3.53 12.05 19.84
C ILE A 227 -2.32 11.53 19.06
N LYS A 228 -1.33 11.02 19.79
CA LYS A 228 -0.13 10.43 19.21
C LYS A 228 -0.39 8.93 18.95
N VAL A 229 -0.12 8.46 17.73
CA VAL A 229 -0.19 7.03 17.43
C VAL A 229 1.18 6.43 17.05
N ASN A 230 1.73 5.64 17.97
CA ASN A 230 2.97 4.89 17.72
C ASN A 230 2.70 3.50 17.14
N VAL A 231 3.62 3.04 16.30
CA VAL A 231 3.53 1.76 15.62
C VAL A 231 4.89 1.06 15.68
N GLN A 232 4.93 -0.15 16.22
CA GLN A 232 6.18 -0.91 16.33
C GLN A 232 5.97 -2.34 15.86
N ALA A 233 6.27 -2.55 14.59
CA ALA A 233 6.11 -3.84 13.90
C ALA A 233 7.40 -4.54 13.46
N ASP A 234 7.52 -5.83 13.79
CA ASP A 234 8.68 -6.61 13.39
C ASP A 234 8.46 -6.87 11.90
N THR A 235 9.53 -7.14 11.16
CA THR A 235 9.39 -7.54 9.76
C THR A 235 9.04 -9.03 9.67
N VAL A 236 7.85 -9.30 9.15
CA VAL A 236 7.41 -10.66 8.92
C VAL A 236 6.34 -10.73 7.84
N ASP A 237 6.48 -11.72 6.97
CA ASP A 237 5.52 -11.97 5.91
C ASP A 237 4.53 -13.04 6.35
N VAL A 238 3.24 -12.80 6.14
CA VAL A 238 2.21 -13.76 6.54
C VAL A 238 1.26 -13.98 5.37
N PRO A 239 0.45 -15.05 5.43
CA PRO A 239 -0.54 -15.24 4.38
C PRO A 239 -1.66 -14.20 4.35
N VAL A 240 -2.31 -14.09 3.20
CA VAL A 240 -3.39 -13.11 3.01
C VAL A 240 -4.53 -13.22 4.02
N GLU A 241 -5.07 -14.43 4.18
CA GLU A 241 -6.19 -14.63 5.08
C GLU A 241 -5.84 -14.20 6.49
N THR A 242 -4.61 -14.49 6.89
CA THR A 242 -4.18 -14.14 8.23
C THR A 242 -4.10 -12.62 8.34
N ALA A 243 -3.60 -11.99 7.28
CA ALA A 243 -3.43 -10.53 7.28
C ALA A 243 -4.75 -9.81 7.32
N GLY A 244 -5.67 -10.19 6.43
CA GLY A 244 -7.00 -9.59 6.37
C GLY A 244 -7.72 -9.67 7.70
N ARG A 245 -7.63 -10.84 8.31
CA ARG A 245 -8.21 -11.11 9.62
C ARG A 245 -7.57 -10.22 10.69
N ILE A 246 -6.25 -10.14 10.66
CA ILE A 246 -5.52 -9.39 11.65
C ILE A 246 -5.82 -7.90 11.49
N GLY A 247 -5.86 -7.45 10.25
CA GLY A 247 -6.11 -6.05 9.95
C GLY A 247 -7.44 -5.60 10.53
N LEU A 248 -8.48 -6.38 10.28
CA LEU A 248 -9.81 -6.07 10.81
C LEU A 248 -9.86 -6.12 12.33
N LEU A 249 -9.18 -7.10 12.93
CA LEU A 249 -9.08 -7.19 14.37
C LEU A 249 -8.50 -5.90 14.96
N VAL A 250 -7.35 -5.51 14.42
CA VAL A 250 -6.64 -4.33 14.87
C VAL A 250 -7.42 -3.05 14.61
N SER A 251 -8.14 -3.03 13.50
CA SER A 251 -8.95 -1.86 13.17
C SER A 251 -10.01 -1.59 14.21
N GLU A 252 -10.73 -2.64 14.60
CA GLU A 252 -11.79 -2.54 15.58
C GLU A 252 -11.21 -1.98 16.89
N VAL A 253 -10.14 -2.61 17.37
CA VAL A 253 -9.54 -2.32 18.67
C VAL A 253 -8.85 -0.97 18.69
N LEU A 254 -8.20 -0.62 17.58
CA LEU A 254 -7.46 0.63 17.51
C LEU A 254 -8.47 1.79 17.46
N THR A 255 -9.55 1.58 16.71
CA THR A 255 -10.62 2.57 16.63
C THR A 255 -11.20 2.80 18.01
N ASN A 256 -11.36 1.73 18.79
CA ASN A 256 -11.90 1.82 20.14
C ASN A 256 -11.07 2.76 21.01
N ALA A 257 -9.75 2.68 20.85
CA ALA A 257 -8.82 3.52 21.57
C ALA A 257 -9.07 5.00 21.30
N LEU A 258 -9.09 5.39 20.03
CA LEU A 258 -9.22 6.80 19.67
C LEU A 258 -10.61 7.36 20.01
N GLN A 259 -11.61 6.50 19.95
CA GLN A 259 -13.00 6.88 20.20
C GLN A 259 -13.38 7.01 21.68
N HIS A 260 -12.83 6.13 22.51
CA HIS A 260 -13.33 5.94 23.89
C HIS A 260 -12.37 6.32 24.99
N ALA A 261 -11.07 6.14 24.77
CA ALA A 261 -10.09 6.23 25.86
C ALA A 261 -9.89 7.63 26.42
N PHE A 262 -10.33 8.66 25.71
CA PHE A 262 -10.00 10.02 26.11
C PHE A 262 -11.25 10.89 26.19
N SER A 263 -12.39 10.27 26.47
CA SER A 263 -13.65 10.98 26.61
C SER A 263 -13.54 12.17 27.57
N ASP A 264 -13.02 11.89 28.77
CA ASP A 264 -12.97 12.89 29.84
C ASP A 264 -11.54 13.39 30.00
N ARG A 265 -10.69 13.01 29.05
CA ARG A 265 -9.26 13.30 29.09
C ARG A 265 -8.91 14.40 28.12
N ALA A 266 -7.89 15.16 28.48
CA ALA A 266 -7.41 16.24 27.65
C ALA A 266 -6.27 15.83 26.72
N SER A 267 -5.52 14.80 27.12
CA SER A 267 -4.41 14.30 26.32
C SER A 267 -4.27 12.77 26.37
N GLY A 268 -3.58 12.20 25.38
CA GLY A 268 -3.38 10.77 25.36
C GLY A 268 -2.34 10.24 24.40
N VAL A 269 -2.07 8.94 24.52
CA VAL A 269 -1.14 8.21 23.66
C VAL A 269 -1.73 6.84 23.31
N VAL A 270 -1.67 6.46 22.04
CA VAL A 270 -2.00 5.09 21.65
C VAL A 270 -0.78 4.43 20.99
N GLN A 271 -0.55 3.17 21.36
CA GLN A 271 0.52 2.36 20.80
C GLN A 271 0.06 1.02 20.22
N LEU A 272 0.39 0.80 18.95
CA LEU A 272 0.19 -0.48 18.27
C LEU A 272 1.53 -1.20 18.13
N ARG A 273 1.60 -2.44 18.63
CA ARG A 273 2.80 -3.28 18.47
C ARG A 273 2.46 -4.61 17.81
N SER A 274 3.41 -5.11 17.02
CA SER A 274 3.29 -6.42 16.39
C SER A 274 4.63 -7.14 16.42
N SER A 275 4.74 -8.10 17.33
CA SER A 275 6.00 -8.76 17.63
C SER A 275 5.89 -10.25 17.34
N VAL A 276 6.83 -10.78 16.57
CA VAL A 276 6.95 -12.22 16.39
C VAL A 276 7.72 -12.81 17.54
N MET A 277 7.16 -13.84 18.16
CA MET A 277 7.78 -14.51 19.29
C MET A 277 8.19 -15.92 18.88
N SER A 278 8.34 -16.81 19.85
CA SER A 278 8.76 -18.17 19.55
C SER A 278 7.61 -19.03 19.08
N GLY A 279 7.93 -20.00 18.23
CA GLY A 279 6.95 -20.93 17.70
C GLY A 279 6.03 -20.22 16.73
N GLU A 280 6.56 -19.20 16.05
CA GLU A 280 5.79 -18.40 15.11
C GLU A 280 4.57 -17.77 15.77
N GLN A 281 4.57 -17.68 17.10
CA GLN A 281 3.48 -17.01 17.80
C GLN A 281 3.65 -15.51 17.66
N LEU A 282 2.65 -14.88 17.03
CA LEU A 282 2.58 -13.45 16.88
C LEU A 282 1.72 -12.80 17.95
N ARG A 283 2.25 -11.76 18.58
CA ARG A 283 1.49 -10.97 19.55
C ARG A 283 1.27 -9.56 19.03
N VAL A 284 -0.01 -9.20 18.92
CA VAL A 284 -0.43 -7.86 18.51
C VAL A 284 -1.03 -7.14 19.72
N THR A 285 -0.49 -5.95 20.02
CA THR A 285 -0.92 -5.17 21.18
C THR A 285 -1.45 -3.78 20.84
N VAL A 286 -2.51 -3.35 21.52
CA VAL A 286 -2.97 -1.96 21.49
C VAL A 286 -3.12 -1.41 22.90
N GLU A 287 -2.42 -0.32 23.18
CA GLU A 287 -2.26 0.21 24.54
C GLU A 287 -2.74 1.67 24.68
N ASP A 288 -3.59 1.93 25.67
CA ASP A 288 -3.96 3.30 26.03
C ASP A 288 -3.37 3.72 27.36
N ASP A 289 -3.30 5.04 27.56
CA ASP A 289 -3.10 5.66 28.86
C ASP A 289 -4.31 6.48 29.29
N GLY A 290 -5.43 6.28 28.61
CA GLY A 290 -6.60 7.10 28.83
C GLY A 290 -7.53 6.64 29.94
N ARG A 291 -8.82 6.68 29.65
CA ARG A 291 -9.87 6.71 30.66
C ARG A 291 -10.05 5.33 31.30
N GLY A 292 -9.79 4.30 30.51
CA GLY A 292 -9.94 2.93 30.98
C GLY A 292 -11.34 2.43 30.65
N ILE A 293 -11.45 1.14 30.41
CA ILE A 293 -12.75 0.52 30.19
C ILE A 293 -13.52 0.41 31.52
N PRO A 294 -14.78 0.88 31.54
CA PRO A 294 -15.62 0.78 32.75
C PRO A 294 -15.60 -0.62 33.36
N GLU A 295 -15.67 -0.71 34.69
CA GLU A 295 -15.50 -1.98 35.37
C GLU A 295 -16.64 -2.94 35.09
N ASP A 296 -17.87 -2.42 35.10
CA ASP A 296 -19.05 -3.23 34.76
C ASP A 296 -18.92 -3.87 33.37
N CYS A 297 -18.34 -3.14 32.43
CA CYS A 297 -18.18 -3.63 31.06
C CYS A 297 -16.98 -4.56 30.93
N ASP A 298 -17.25 -5.80 30.53
CA ASP A 298 -16.22 -6.83 30.38
C ASP A 298 -15.92 -7.04 28.90
N TRP A 299 -15.44 -5.99 28.26
CA TRP A 299 -15.16 -6.03 26.83
C TRP A 299 -14.05 -7.05 26.53
N PRO A 300 -14.17 -7.79 25.42
CA PRO A 300 -15.20 -7.75 24.36
C PRO A 300 -16.33 -8.74 24.57
N ASN A 301 -16.43 -9.38 25.73
CA ASN A 301 -17.55 -10.26 26.01
C ASN A 301 -18.85 -9.46 26.09
N GLU A 302 -18.76 -8.26 26.63
CA GLU A 302 -19.87 -7.30 26.63
C GLU A 302 -19.50 -6.16 25.70
N GLY A 303 -20.49 -5.58 25.04
CA GLY A 303 -20.23 -4.39 24.23
C GLY A 303 -21.26 -4.21 23.13
N ASN A 304 -20.87 -3.47 22.10
CA ASN A 304 -21.73 -3.22 20.96
C ASN A 304 -21.23 -4.07 19.79
N LEU A 305 -21.54 -3.68 18.56
CA LEU A 305 -21.30 -4.55 17.43
C LEU A 305 -19.83 -4.87 17.30
N GLY A 306 -19.00 -3.86 17.57
CA GLY A 306 -17.56 -3.98 17.55
C GLY A 306 -17.02 -5.14 18.36
N SER A 307 -17.55 -5.31 19.56
CA SER A 307 -17.06 -6.35 20.46
C SER A 307 -17.34 -7.72 19.88
N ARG A 308 -18.47 -7.83 19.20
CA ARG A 308 -18.88 -9.07 18.55
C ARG A 308 -18.01 -9.33 17.32
N ILE A 309 -17.73 -8.30 16.55
CA ILE A 309 -16.83 -8.41 15.42
C ILE A 309 -15.49 -8.97 15.88
N VAL A 310 -14.93 -8.35 16.93
CA VAL A 310 -13.62 -8.71 17.44
C VAL A 310 -13.55 -10.18 17.84
N ARG A 311 -14.58 -10.66 18.51
CA ARG A 311 -14.59 -12.02 19.01
C ARG A 311 -14.62 -13.04 17.87
N GLN A 312 -15.29 -12.67 16.79
CA GLN A 312 -15.41 -13.58 15.66
C GLN A 312 -14.05 -13.66 15.01
N LEU A 313 -13.42 -12.51 14.77
CA LEU A 313 -12.15 -12.48 14.08
C LEU A 313 -11.10 -13.18 14.95
N VAL A 314 -11.18 -12.99 16.26
CA VAL A 314 -10.27 -13.69 17.16
C VAL A 314 -10.44 -15.20 17.05
N GLN A 315 -11.68 -15.64 16.92
CA GLN A 315 -11.96 -17.08 16.83
C GLN A 315 -11.49 -17.68 15.51
N GLY A 316 -11.67 -16.94 14.42
CA GLY A 316 -11.25 -17.42 13.13
C GLY A 316 -9.74 -17.52 13.03
N LEU A 317 -9.05 -16.77 13.87
CA LEU A 317 -7.60 -16.73 13.87
C LEU A 317 -7.04 -17.77 14.81
N GLY A 318 -7.91 -18.39 15.60
CA GLY A 318 -7.47 -19.29 16.64
C GLY A 318 -6.68 -18.55 17.70
N ALA A 319 -6.98 -17.27 17.90
CA ALA A 319 -6.18 -16.42 18.78
C ALA A 319 -6.77 -16.32 20.19
N GLU A 320 -6.00 -15.68 21.07
CA GLU A 320 -6.40 -15.39 22.45
C GLU A 320 -6.32 -13.90 22.73
N LEU A 321 -7.39 -13.31 23.24
CA LEU A 321 -7.39 -11.90 23.62
C LEU A 321 -7.44 -11.72 25.13
N ASN A 322 -6.71 -10.74 25.63
CA ASN A 322 -6.71 -10.42 27.06
C ASN A 322 -6.73 -8.93 27.28
N VAL A 323 -7.31 -8.50 28.39
CA VAL A 323 -7.43 -7.07 28.69
C VAL A 323 -7.16 -6.76 30.16
N THR A 324 -6.53 -5.60 30.40
CA THR A 324 -6.13 -5.17 31.74
C THR A 324 -6.63 -3.72 31.87
N ARG A 325 -7.34 -3.43 32.95
CA ARG A 325 -8.10 -2.19 33.09
C ARG A 325 -7.44 -1.18 34.01
N GLY A 326 -8.12 -0.05 34.24
CA GLY A 326 -7.71 0.91 35.23
C GLY A 326 -7.49 2.30 34.66
N GLY A 327 -7.42 3.27 35.57
CA GLY A 327 -7.15 4.66 35.24
C GLY A 327 -5.74 4.89 34.73
N THR A 328 -4.91 3.86 34.81
CA THR A 328 -3.59 3.88 34.20
C THR A 328 -3.67 3.49 32.73
N GLY A 329 -4.83 2.98 32.32
CA GLY A 329 -5.16 2.83 30.91
C GLY A 329 -5.73 1.48 30.53
N THR A 330 -5.90 1.27 29.23
CA THR A 330 -6.36 0.00 28.68
C THR A 330 -5.24 -0.66 27.87
N ILE A 331 -4.95 -1.91 28.19
CA ILE A 331 -4.01 -2.71 27.40
C ILE A 331 -4.72 -3.91 26.79
N VAL A 332 -4.67 -4.01 25.47
CA VAL A 332 -5.27 -5.13 24.76
C VAL A 332 -4.16 -5.93 24.09
N ASN A 333 -4.20 -7.25 24.28
CA ASN A 333 -3.21 -8.15 23.69
C ASN A 333 -3.89 -9.31 22.98
N ILE A 334 -3.56 -9.46 21.70
CA ILE A 334 -4.04 -10.58 20.91
C ILE A 334 -2.87 -11.47 20.51
N ASP A 335 -2.91 -12.74 20.93
CA ASP A 335 -1.90 -13.72 20.53
C ASP A 335 -2.37 -14.60 19.38
N ILE A 336 -1.62 -14.56 18.28
CA ILE A 336 -2.01 -15.20 17.03
C ILE A 336 -0.94 -16.23 16.63
N PRO A 337 -1.33 -17.48 16.35
CA PRO A 337 -0.33 -18.48 15.94
C PRO A 337 -0.06 -18.56 14.44
N LEU A 338 0.99 -17.93 13.92
CA LEU A 338 1.28 -18.02 12.49
C LEU A 338 1.71 -19.43 12.05
N SER A 339 2.27 -20.21 12.97
CA SER A 339 2.68 -21.59 12.68
C SER A 339 1.54 -22.54 12.37
N GLN A 340 0.40 -22.28 13.02
CA GLN A 340 -0.77 -23.15 12.92
C GLN A 340 -1.74 -22.71 11.83
N GLN A 341 -1.36 -21.69 11.06
CA GLN A 341 -2.28 -21.15 10.06
C GLN A 341 -2.43 -22.17 8.94
N LYS A 342 -1.31 -22.78 8.56
CA LYS A 342 -1.31 -23.85 7.56
C LYS A 342 -2.30 -24.94 7.96
N THR A 343 -2.22 -25.37 9.21
CA THR A 343 -3.11 -26.40 9.75
C THR A 343 -4.56 -25.96 9.67
N LEU A 344 -4.81 -24.75 10.17
CA LEU A 344 -6.14 -24.14 10.15
C LEU A 344 -6.68 -24.04 8.73
N SER B 25 11.89 0.02 -13.99
CA SER B 25 12.56 -0.48 -15.18
C SER B 25 13.69 0.47 -15.57
N LEU B 26 14.90 -0.08 -15.74
CA LEU B 26 16.07 0.74 -16.08
C LEU B 26 16.92 0.08 -17.15
N THR B 27 17.40 0.90 -18.08
CA THR B 27 18.22 0.44 -19.21
C THR B 27 19.44 1.34 -19.43
N ILE B 28 20.55 0.76 -19.89
CA ILE B 28 21.74 1.54 -20.26
C ILE B 28 22.24 1.15 -21.64
N ALA B 29 22.48 2.16 -22.48
CA ALA B 29 23.01 1.95 -23.82
C ALA B 29 24.35 2.67 -24.03
N ASP B 30 25.21 2.07 -24.85
CA ASP B 30 26.45 2.70 -25.29
C ASP B 30 26.20 3.36 -26.66
N ILE B 31 25.90 4.66 -26.67
CA ILE B 31 25.54 5.32 -27.92
C ILE B 31 26.73 5.70 -28.79
N SER B 32 27.95 5.42 -28.31
CA SER B 32 29.14 5.62 -29.15
C SER B 32 29.31 4.44 -30.09
N GLN B 33 28.71 3.31 -29.73
CA GLN B 33 28.81 2.09 -30.52
C GLN B 33 27.74 2.09 -31.60
N ASP B 34 28.01 1.42 -32.72
CA ASP B 34 27.07 1.34 -33.83
C ASP B 34 25.70 0.85 -33.39
N ASP B 35 24.67 1.64 -33.70
CA ASP B 35 23.28 1.31 -33.42
C ASP B 35 22.93 1.38 -31.93
N GLU B 36 23.78 2.04 -31.14
CA GLU B 36 23.48 2.36 -29.75
C GLU B 36 22.94 1.15 -28.99
N PRO B 37 23.74 0.07 -28.89
CA PRO B 37 23.29 -1.13 -28.22
C PRO B 37 23.09 -0.99 -26.71
N LEU B 38 22.06 -1.65 -26.19
CA LEU B 38 21.90 -1.82 -24.76
C LEU B 38 23.06 -2.64 -24.24
N ILE B 39 23.65 -2.18 -23.14
CA ILE B 39 24.71 -2.92 -22.46
C ILE B 39 24.29 -3.46 -21.10
N TYR B 40 23.21 -2.90 -20.56
CA TYR B 40 22.71 -3.32 -19.25
C TYR B 40 21.21 -3.09 -19.10
N VAL B 41 20.52 -4.06 -18.50
CA VAL B 41 19.15 -3.86 -18.04
C VAL B 41 18.94 -4.53 -16.68
N ASN B 42 17.94 -4.06 -15.93
CA ASN B 42 17.64 -4.60 -14.60
C ASN B 42 16.42 -5.53 -14.56
N ARG B 43 16.14 -6.03 -13.37
CA ARG B 43 15.05 -6.99 -13.14
C ARG B 43 13.66 -6.42 -13.45
N ALA B 44 13.47 -5.14 -13.17
CA ALA B 44 12.20 -4.45 -13.41
C ALA B 44 11.81 -4.40 -14.89
N PHE B 45 12.81 -4.25 -15.76
CA PHE B 45 12.61 -4.25 -17.20
C PHE B 45 12.10 -5.59 -17.72
N GLU B 46 12.70 -6.68 -17.23
CA GLU B 46 12.26 -8.02 -17.60
C GLU B 46 10.78 -8.28 -17.32
N GLN B 47 10.27 -7.87 -16.16
CA GLN B 47 8.89 -8.15 -15.81
C GLN B 47 7.91 -7.39 -16.70
N MET B 48 8.19 -6.12 -16.99
CA MET B 48 7.34 -5.30 -17.83
C MET B 48 7.27 -5.81 -19.27
N THR B 49 8.44 -6.11 -19.82
CA THR B 49 8.59 -6.43 -21.24
C THR B 49 8.51 -7.92 -21.56
N GLY B 50 8.74 -8.76 -20.56
CA GLY B 50 8.74 -10.20 -20.77
C GLY B 50 10.05 -10.77 -21.30
N TYR B 51 11.06 -9.91 -21.50
CA TYR B 51 12.36 -10.36 -22.02
C TYR B 51 13.35 -10.60 -20.89
N SER B 52 14.20 -11.61 -21.05
CA SER B 52 15.33 -11.83 -20.15
C SER B 52 16.51 -10.94 -20.50
N ARG B 53 17.37 -10.67 -19.51
CA ARG B 53 18.58 -9.87 -19.73
C ARG B 53 19.47 -10.49 -20.80
N SER B 54 19.55 -11.82 -20.79
CA SER B 54 20.35 -12.56 -21.77
C SER B 54 19.93 -12.22 -23.20
N SER B 55 18.63 -12.08 -23.41
CA SER B 55 18.06 -11.81 -24.72
C SER B 55 18.33 -10.39 -25.24
N VAL B 56 18.45 -9.44 -24.33
CA VAL B 56 18.36 -8.02 -24.67
C VAL B 56 19.70 -7.31 -24.85
N VAL B 57 20.70 -7.67 -24.04
CA VAL B 57 22.00 -6.99 -24.08
C VAL B 57 22.67 -7.16 -25.44
N GLY B 58 23.17 -6.04 -25.97
CA GLY B 58 23.84 -6.04 -27.26
C GLY B 58 22.98 -5.58 -28.42
N ARG B 59 21.69 -5.34 -28.17
CA ARG B 59 20.76 -4.93 -29.21
C ARG B 59 20.20 -3.53 -28.93
N ASN B 60 19.88 -2.80 -30.00
CA ASN B 60 19.21 -1.51 -29.87
C ASN B 60 17.81 -1.68 -29.32
N CYS B 61 17.42 -0.80 -28.41
CA CYS B 61 16.16 -0.91 -27.70
C CYS B 61 14.92 -0.76 -28.59
N ARG B 62 15.12 -0.48 -29.87
CA ARG B 62 13.98 -0.25 -30.76
C ARG B 62 13.12 -1.50 -30.97
N PHE B 63 13.57 -2.64 -30.46
CA PHE B 63 12.74 -3.84 -30.51
C PHE B 63 11.45 -3.67 -29.73
N LEU B 64 11.39 -2.68 -28.84
CA LEU B 64 10.16 -2.43 -28.10
C LEU B 64 9.13 -1.73 -28.96
N GLN B 65 9.55 -1.25 -30.13
CA GLN B 65 8.68 -0.47 -30.98
C GLN B 65 7.93 -1.44 -31.90
N GLY B 66 6.84 -0.98 -32.50
CA GLY B 66 6.11 -1.82 -33.44
C GLY B 66 5.06 -1.07 -34.24
N GLU B 67 4.01 -1.78 -34.62
CA GLU B 67 3.00 -1.32 -35.56
C GLU B 67 2.47 0.07 -35.17
N LYS B 68 2.13 0.22 -33.90
CA LYS B 68 1.45 1.42 -33.40
C LYS B 68 2.43 2.50 -32.95
N THR B 69 3.72 2.22 -33.02
CA THR B 69 4.74 3.19 -32.64
C THR B 69 4.73 4.39 -33.58
N ASP B 70 4.67 5.59 -32.99
CA ASP B 70 4.62 6.81 -33.78
C ASP B 70 6.01 7.12 -34.33
N PRO B 71 6.15 7.23 -35.66
CA PRO B 71 7.46 7.59 -36.23
C PRO B 71 7.93 8.98 -35.81
N GLY B 72 6.98 9.87 -35.55
CA GLY B 72 7.30 11.23 -35.12
C GLY B 72 8.07 11.24 -33.82
N ALA B 73 7.55 10.56 -32.81
CA ALA B 73 8.21 10.47 -31.52
C ALA B 73 9.60 9.84 -31.64
N VAL B 74 9.72 8.82 -32.47
CA VAL B 74 11.00 8.16 -32.68
C VAL B 74 12.03 9.13 -33.24
N GLU B 75 11.62 9.95 -34.21
CA GLU B 75 12.53 10.95 -34.76
C GLU B 75 12.98 11.91 -33.67
N ARG B 76 12.05 12.27 -32.79
CA ARG B 76 12.36 13.20 -31.70
C ARG B 76 13.26 12.52 -30.67
N LEU B 77 13.04 11.23 -30.44
CA LEU B 77 13.92 10.46 -29.57
C LEU B 77 15.30 10.35 -30.21
N ALA B 78 15.29 10.08 -31.50
CA ALA B 78 16.52 9.90 -32.27
C ALA B 78 17.34 11.20 -32.25
N LYS B 79 16.65 12.31 -32.41
CA LYS B 79 17.29 13.62 -32.45
C LYS B 79 17.96 13.98 -31.11
N ALA B 80 17.30 13.66 -30.01
CA ALA B 80 17.83 13.96 -28.68
C ALA B 80 19.13 13.24 -28.34
N ILE B 81 19.22 11.96 -28.68
CA ILE B 81 20.43 11.17 -28.41
C ILE B 81 21.67 11.67 -29.15
N ARG B 82 21.52 11.93 -30.45
CA ARG B 82 22.60 12.40 -31.30
C ARG B 82 23.14 13.75 -30.85
N ASN B 83 22.28 14.57 -30.26
CA ASN B 83 22.66 15.92 -29.82
C ASN B 83 23.04 15.89 -28.33
N CYS B 84 23.02 14.67 -27.77
CA CYS B 84 23.33 14.44 -26.36
C CYS B 84 22.49 15.27 -25.37
N GLU B 85 21.18 15.28 -25.56
CA GLU B 85 20.28 16.06 -24.70
C GLU B 85 19.35 15.15 -23.92
N GLU B 86 18.94 15.59 -22.74
CA GLU B 86 17.88 14.92 -21.99
C GLU B 86 16.57 15.02 -22.74
N VAL B 87 15.74 13.99 -22.64
CA VAL B 87 14.44 14.00 -23.30
C VAL B 87 13.41 13.15 -22.55
N GLU B 88 12.15 13.56 -22.67
CA GLU B 88 11.04 12.87 -22.02
C GLU B 88 9.89 12.78 -23.00
N GLU B 89 9.51 11.56 -23.35
CA GLU B 89 8.37 11.31 -24.22
C GLU B 89 7.54 10.13 -23.73
N THR B 90 6.22 10.21 -23.93
CA THR B 90 5.37 9.06 -23.71
C THR B 90 5.20 8.40 -25.08
N ILE B 91 5.66 7.16 -25.18
CA ILE B 91 5.77 6.46 -26.46
C ILE B 91 5.10 5.09 -26.41
N TYR B 92 4.49 4.70 -27.52
CA TYR B 92 3.83 3.40 -27.61
C TYR B 92 4.85 2.29 -27.87
N ASN B 93 4.76 1.25 -27.05
CA ASN B 93 5.70 0.13 -27.05
C ASN B 93 4.92 -1.16 -27.04
N TYR B 94 5.62 -2.29 -27.20
CA TYR B 94 4.96 -3.59 -27.29
C TYR B 94 5.63 -4.63 -26.42
N ARG B 95 4.81 -5.34 -25.65
CA ARG B 95 5.25 -6.46 -24.83
C ARG B 95 5.57 -7.65 -25.71
N ALA B 96 6.21 -8.67 -25.12
CA ALA B 96 6.56 -9.88 -25.84
C ALA B 96 5.35 -10.55 -26.50
N ASP B 97 4.19 -10.46 -25.85
CA ASP B 97 2.98 -11.07 -26.38
C ASP B 97 2.21 -10.18 -27.36
N GLY B 98 2.78 -9.03 -27.72
CA GLY B 98 2.16 -8.18 -28.72
C GLY B 98 1.28 -7.11 -28.13
N GLU B 99 1.04 -7.19 -26.82
CA GLU B 99 0.19 -6.23 -26.14
C GLU B 99 0.83 -4.84 -26.16
N GLY B 100 0.06 -3.86 -26.59
CA GLY B 100 0.53 -2.49 -26.65
C GLY B 100 0.35 -1.81 -25.31
N PHE B 101 1.26 -0.90 -24.99
CA PHE B 101 1.14 -0.11 -23.77
C PHE B 101 1.88 1.21 -23.95
N TRP B 102 1.47 2.22 -23.18
CA TRP B 102 2.16 3.50 -23.15
C TRP B 102 3.33 3.49 -22.19
N ASN B 103 4.49 3.88 -22.71
CA ASN B 103 5.74 3.89 -21.98
C ASN B 103 6.19 5.33 -21.80
N HIS B 104 6.19 5.80 -20.56
CA HIS B 104 6.69 7.13 -20.28
C HIS B 104 8.20 7.02 -20.11
N LEU B 105 8.91 7.48 -21.13
CA LEU B 105 10.36 7.30 -21.21
C LEU B 105 11.11 8.57 -20.84
N LEU B 106 12.06 8.42 -19.94
CA LEU B 106 12.95 9.52 -19.56
C LEU B 106 14.41 9.09 -19.71
N MET B 107 15.17 9.81 -20.54
CA MET B 107 16.56 9.45 -20.81
C MET B 107 17.40 10.69 -21.02
N GLY B 108 18.72 10.50 -21.00
CA GLY B 108 19.64 11.60 -21.17
C GLY B 108 21.08 11.17 -20.97
N PRO B 109 22.02 12.14 -21.11
CA PRO B 109 23.44 11.88 -20.91
C PRO B 109 23.76 11.28 -19.55
N LEU B 110 24.61 10.26 -19.52
CA LEU B 110 25.06 9.69 -18.25
C LEU B 110 26.01 10.65 -17.54
N CYS B 117 30.54 12.13 -23.12
CA CYS B 117 29.15 11.71 -23.08
C CYS B 117 28.97 10.41 -23.86
N ARG B 118 29.70 9.39 -23.42
CA ARG B 118 29.78 8.11 -24.13
C ARG B 118 28.52 7.24 -23.95
N TYR B 119 27.95 7.28 -22.75
CA TYR B 119 26.85 6.38 -22.37
C TYR B 119 25.54 7.12 -22.06
N PHE B 120 24.43 6.50 -22.45
CA PHE B 120 23.10 6.98 -22.10
C PHE B 120 22.31 5.99 -21.24
N VAL B 121 21.51 6.54 -20.34
CA VAL B 121 20.64 5.79 -19.45
C VAL B 121 19.18 6.25 -19.61
N GLY B 122 18.24 5.31 -19.47
CA GLY B 122 16.83 5.60 -19.64
C GLY B 122 15.99 4.83 -18.65
N ILE B 123 14.87 5.42 -18.22
CA ILE B 123 13.88 4.73 -17.39
C ILE B 123 12.50 4.63 -18.06
N GLN B 124 11.81 3.54 -17.76
CA GLN B 124 10.48 3.27 -18.32
C GLN B 124 9.42 3.09 -17.23
N VAL B 125 8.30 3.80 -17.37
CA VAL B 125 7.17 3.62 -16.46
C VAL B 125 5.95 3.13 -17.24
N ASP B 126 5.46 1.94 -16.88
CA ASP B 126 4.29 1.37 -17.53
C ASP B 126 3.01 2.07 -17.09
N MET B 127 2.36 2.76 -18.03
CA MET B 127 1.16 3.52 -17.71
C MET B 127 -0.07 2.74 -18.15
N GLY B 128 0.12 1.45 -18.37
CA GLY B 128 -0.97 0.56 -18.69
C GLY B 128 -1.38 0.70 -20.14
N GLN B 129 -2.55 0.18 -20.47
CA GLN B 129 -3.09 0.25 -21.82
C GLN B 129 -4.17 1.33 -21.86
N SER B 130 -3.98 2.33 -22.71
CA SER B 130 -4.89 3.46 -22.76
C SER B 130 -4.74 4.25 -24.05
N ARG B 141 2.04 14.27 -13.36
CA ARG B 141 2.73 15.35 -12.69
C ARG B 141 3.47 14.83 -11.46
N GLN B 142 2.79 13.99 -10.70
CA GLN B 142 3.39 13.29 -9.56
C GLN B 142 4.57 12.42 -10.02
N LEU B 143 4.31 11.63 -11.07
CA LEU B 143 5.24 10.66 -11.61
C LEU B 143 6.56 11.30 -12.07
N ALA B 144 6.43 12.51 -12.60
CA ALA B 144 7.54 13.28 -13.17
C ALA B 144 8.34 13.99 -12.09
N GLU B 145 7.93 13.80 -10.84
CA GLU B 145 8.67 14.26 -9.67
C GLU B 145 9.42 13.10 -9.04
N VAL B 146 9.33 11.92 -9.67
CA VAL B 146 9.98 10.71 -9.19
C VAL B 146 10.80 10.14 -10.34
N GLN B 147 10.45 10.49 -11.57
CA GLN B 147 11.02 9.85 -12.73
C GLN B 147 12.40 10.46 -12.92
N HIS B 148 12.47 11.77 -12.70
CA HIS B 148 13.73 12.50 -12.78
C HIS B 148 14.65 12.15 -11.63
N ARG B 149 14.09 12.13 -10.41
CA ARG B 149 14.88 11.89 -9.21
C ARG B 149 15.72 10.62 -9.33
N VAL B 150 15.12 9.55 -9.87
CA VAL B 150 15.80 8.27 -10.01
C VAL B 150 17.07 8.48 -10.82
N LYS B 151 16.91 9.15 -11.96
CA LYS B 151 18.02 9.50 -12.83
C LYS B 151 19.09 10.33 -12.11
N ASN B 152 18.67 11.33 -11.34
CA ASN B 152 19.61 12.13 -10.57
C ASN B 152 20.47 11.31 -9.61
N HIS B 153 19.82 10.48 -8.80
CA HIS B 153 20.54 9.63 -7.86
C HIS B 153 21.61 8.80 -8.56
N LEU B 154 21.24 8.18 -9.67
CA LEU B 154 22.17 7.37 -10.45
C LEU B 154 23.35 8.19 -10.97
N ALA B 155 23.08 9.44 -11.36
CA ALA B 155 24.13 10.30 -11.90
C ALA B 155 25.22 10.53 -10.87
N MET B 156 24.82 10.79 -9.63
CA MET B 156 25.77 10.93 -8.54
C MET B 156 26.46 9.59 -8.29
N ILE B 157 25.68 8.52 -8.35
CA ILE B 157 26.19 7.18 -8.10
C ILE B 157 27.19 6.74 -9.17
N VAL B 158 27.03 7.26 -10.39
CA VAL B 158 27.89 6.87 -11.50
C VAL B 158 29.16 7.72 -11.59
N SER B 159 29.01 9.02 -11.44
CA SER B 159 30.15 9.93 -11.58
C SER B 159 31.21 9.65 -10.52
N MET B 160 30.79 9.11 -9.38
CA MET B 160 31.66 8.98 -8.23
C MET B 160 32.48 7.68 -8.22
N ILE B 161 31.93 6.63 -8.82
CA ILE B 161 32.64 5.34 -8.88
C ILE B 161 33.61 5.30 -10.07
N ARG B 162 33.39 6.16 -11.06
CA ARG B 162 34.20 6.19 -12.28
C ARG B 162 34.37 7.62 -12.78
N PHE B 175 26.21 -2.36 -11.07
CA PHE B 175 25.25 -2.94 -11.98
C PHE B 175 23.93 -3.24 -11.29
N ASP B 176 23.88 -4.37 -10.58
CA ASP B 176 22.75 -4.70 -9.74
C ASP B 176 22.69 -3.85 -8.46
N SER B 177 23.81 -3.20 -8.13
CA SER B 177 23.90 -2.46 -6.88
C SER B 177 23.12 -1.15 -7.04
N LEU B 178 23.26 -0.55 -8.21
CA LEU B 178 22.62 0.72 -8.53
C LEU B 178 21.12 0.54 -8.32
N SER B 179 20.62 -0.56 -8.86
CA SER B 179 19.21 -0.94 -8.86
C SER B 179 18.66 -0.99 -7.44
N ARG B 180 19.47 -1.44 -6.51
CA ARG B 180 19.07 -1.66 -5.13
C ARG B 180 18.75 -0.30 -4.48
N ARG B 181 19.50 0.74 -4.84
CA ARG B 181 19.36 2.08 -4.29
C ARG B 181 18.11 2.74 -4.90
N VAL B 182 17.89 2.41 -6.16
CA VAL B 182 16.70 2.77 -6.94
C VAL B 182 15.38 2.28 -6.31
N GLU B 183 15.37 1.06 -5.79
CA GLU B 183 14.19 0.44 -5.21
C GLU B 183 13.56 1.26 -4.08
N ALA B 184 14.35 1.96 -3.29
CA ALA B 184 13.78 2.79 -2.22
C ALA B 184 12.86 3.84 -2.87
N LEU B 185 13.25 4.32 -4.04
CA LEU B 185 12.48 5.34 -4.76
C LEU B 185 11.26 4.71 -5.44
N GLN B 186 11.39 3.46 -5.86
CA GLN B 186 10.29 2.72 -6.50
C GLN B 186 9.20 2.40 -5.47
N LEU B 187 9.61 2.04 -4.26
CA LEU B 187 8.67 1.79 -3.17
C LEU B 187 7.84 3.04 -2.89
N LEU B 188 8.48 4.21 -3.05
CA LEU B 188 7.83 5.51 -2.87
C LEU B 188 6.78 5.81 -3.93
N TYR B 189 7.06 5.46 -5.18
CA TYR B 189 6.10 5.67 -6.26
C TYR B 189 4.79 4.96 -5.96
N GLN B 190 4.90 3.73 -5.47
CA GLN B 190 3.71 2.95 -5.13
C GLN B 190 2.85 3.66 -4.08
N GLU B 191 3.48 4.26 -3.07
CA GLU B 191 2.75 4.99 -2.04
C GLU B 191 2.11 6.23 -2.66
N MET B 192 2.83 6.80 -3.61
CA MET B 192 2.38 7.99 -4.34
C MET B 192 1.19 7.62 -5.22
N ASP B 193 1.29 6.45 -5.84
CA ASP B 193 0.26 5.94 -6.75
C ASP B 193 -1.09 5.83 -6.04
N ILE B 194 -1.09 5.31 -4.81
CA ILE B 194 -2.32 5.15 -4.06
C ILE B 194 -2.94 6.49 -3.68
N ALA B 195 -2.10 7.51 -3.47
CA ALA B 195 -2.57 8.79 -2.93
C ALA B 195 -3.04 9.71 -4.06
N THR B 201 4.29 21.86 -2.77
CA THR B 201 4.39 21.56 -1.35
C THR B 201 3.13 20.93 -0.78
N ASP B 202 3.09 19.62 -0.64
CA ASP B 202 1.88 18.97 -0.17
C ASP B 202 2.19 17.86 0.82
N LYS B 203 1.53 17.91 1.98
CA LYS B 203 1.67 16.86 2.98
C LYS B 203 0.84 15.63 2.60
N ILE B 204 1.46 14.59 2.04
CA ILE B 204 0.66 13.47 1.51
C ILE B 204 1.12 12.05 1.85
N ILE B 205 2.36 11.91 2.34
CA ILE B 205 2.90 10.57 2.64
C ILE B 205 2.88 10.12 4.09
N PRO B 206 2.22 8.98 4.39
CA PRO B 206 2.27 8.41 5.74
C PRO B 206 3.63 7.76 5.97
N LEU B 207 4.51 8.49 6.65
CA LEU B 207 5.91 8.08 6.81
C LEU B 207 6.06 6.71 7.45
N GLY B 208 5.31 6.46 8.53
CA GLY B 208 5.44 5.21 9.25
C GLY B 208 5.17 4.04 8.32
N ALA B 209 4.15 4.18 7.48
CA ALA B 209 3.79 3.16 6.49
C ALA B 209 4.94 2.95 5.50
N TYR B 210 5.47 4.04 4.99
CA TYR B 210 6.54 4.02 3.99
C TYR B 210 7.81 3.36 4.50
N LEU B 211 8.25 3.76 5.69
CA LEU B 211 9.44 3.19 6.30
C LEU B 211 9.26 1.69 6.57
N GLY B 212 8.04 1.30 6.91
CA GLY B 212 7.75 -0.11 7.14
C GLY B 212 8.00 -0.95 5.89
N ARG B 213 7.71 -0.37 4.73
CA ARG B 213 7.86 -1.07 3.46
C ARG B 213 9.31 -1.05 3.01
N ILE B 214 10.03 -0.01 3.41
CA ILE B 214 11.47 0.09 3.17
C ILE B 214 12.22 -1.01 3.90
N ALA B 215 11.94 -1.14 5.19
CA ALA B 215 12.61 -2.12 6.04
C ALA B 215 12.40 -3.55 5.56
N SER B 216 11.19 -3.87 5.13
CA SER B 216 10.88 -5.23 4.70
C SER B 216 11.64 -5.67 3.45
N ALA B 217 11.73 -4.80 2.45
CA ALA B 217 12.45 -5.13 1.22
C ALA B 217 13.93 -5.45 1.49
N ILE B 218 14.56 -4.62 2.31
CA ILE B 218 15.97 -4.76 2.62
C ILE B 218 16.20 -6.06 3.38
N ASN B 219 15.37 -6.28 4.39
CA ASN B 219 15.44 -7.49 5.21
C ASN B 219 15.14 -8.72 4.35
N HIS B 220 14.27 -8.55 3.36
CA HIS B 220 13.93 -9.64 2.47
C HIS B 220 15.18 -10.06 1.69
N ILE B 221 15.90 -9.09 1.14
CA ILE B 221 17.11 -9.40 0.37
C ILE B 221 18.31 -9.70 1.26
N ASP B 222 18.61 -8.79 2.19
CA ASP B 222 19.85 -8.81 2.96
C ASP B 222 19.71 -9.42 4.34
N GLY B 223 18.51 -9.89 4.68
CA GLY B 223 18.27 -10.47 5.98
C GLY B 223 18.80 -11.87 6.12
N ARG B 224 18.48 -12.49 7.26
CA ARG B 224 19.07 -13.78 7.63
C ARG B 224 18.36 -14.32 8.85
N GLY B 225 18.40 -15.64 9.02
CA GLY B 225 17.78 -16.29 10.16
C GLY B 225 18.36 -15.71 11.44
N ALA B 226 17.53 -15.61 12.47
CA ALA B 226 17.97 -15.16 13.81
C ALA B 226 18.21 -13.66 13.88
N ILE B 227 18.05 -12.95 12.76
CA ILE B 227 18.10 -11.50 12.77
C ILE B 227 16.68 -10.91 12.77
N LYS B 228 16.33 -10.29 13.88
CA LYS B 228 15.05 -9.62 14.05
C LYS B 228 15.16 -8.19 13.56
N VAL B 229 14.24 -7.76 12.70
CA VAL B 229 14.19 -6.35 12.32
C VAL B 229 12.91 -5.69 12.79
N ASN B 230 13.06 -4.88 13.83
CA ASN B 230 11.99 -4.05 14.36
C ASN B 230 11.95 -2.67 13.69
N VAL B 231 10.76 -2.12 13.55
CA VAL B 231 10.56 -0.81 12.92
C VAL B 231 9.57 -0.08 13.79
N GLN B 232 9.94 1.10 14.29
CA GLN B 232 9.05 1.88 15.13
C GLN B 232 8.99 3.32 14.69
N ALA B 233 8.01 3.58 13.83
CA ALA B 233 7.76 4.88 13.24
C ALA B 233 6.46 5.46 13.75
N ASP B 234 6.46 6.71 14.19
CA ASP B 234 5.22 7.30 14.65
C ASP B 234 4.46 7.56 13.36
N THR B 235 3.13 7.62 13.43
CA THR B 235 2.34 7.98 12.27
C THR B 235 2.36 9.49 12.12
N VAL B 236 2.90 9.92 10.99
CA VAL B 236 2.96 11.31 10.62
C VAL B 236 3.05 11.39 9.11
N ASP B 237 2.29 12.33 8.55
CA ASP B 237 2.29 12.54 7.11
C ASP B 237 3.27 13.64 6.74
N VAL B 238 4.07 13.37 5.71
CA VAL B 238 5.09 14.30 5.26
C VAL B 238 5.05 14.49 3.74
N PRO B 239 5.73 15.54 3.24
CA PRO B 239 5.83 15.77 1.79
C PRO B 239 6.65 14.72 1.04
N VAL B 240 6.42 14.67 -0.27
CA VAL B 240 7.09 13.71 -1.16
C VAL B 240 8.61 13.77 -1.10
N GLU B 241 9.15 14.97 -1.25
CA GLU B 241 10.60 15.18 -1.27
C GLU B 241 11.27 14.71 0.00
N THR B 242 10.62 14.95 1.13
CA THR B 242 11.18 14.56 2.42
C THR B 242 11.26 13.04 2.52
N ALA B 243 10.22 12.37 2.04
CA ALA B 243 10.15 10.92 2.13
C ALA B 243 11.22 10.25 1.26
N GLY B 244 11.31 10.68 0.00
CA GLY B 244 12.31 10.13 -0.91
C GLY B 244 13.72 10.25 -0.37
N ARG B 245 14.03 11.43 0.17
CA ARG B 245 15.34 11.68 0.77
C ARG B 245 15.58 10.80 1.99
N ILE B 246 14.57 10.71 2.86
CA ILE B 246 14.70 9.93 4.09
C ILE B 246 14.78 8.46 3.76
N GLY B 247 13.96 8.02 2.81
CA GLY B 247 13.94 6.62 2.43
C GLY B 247 15.30 6.13 1.96
N LEU B 248 15.92 6.87 1.05
CA LEU B 248 17.24 6.49 0.58
C LEU B 248 18.29 6.55 1.69
N LEU B 249 18.21 7.57 2.53
CA LEU B 249 19.10 7.68 3.68
C LEU B 249 18.99 6.42 4.53
N VAL B 250 17.75 6.09 4.88
CA VAL B 250 17.44 4.95 5.73
C VAL B 250 17.83 3.65 5.03
N SER B 251 17.67 3.61 3.71
CA SER B 251 18.04 2.43 2.95
C SER B 251 19.54 2.14 3.06
N GLU B 252 20.35 3.17 2.88
CA GLU B 252 21.81 3.04 2.96
C GLU B 252 22.24 2.51 4.32
N VAL B 253 21.77 3.17 5.37
CA VAL B 253 22.21 2.90 6.74
C VAL B 253 21.66 1.57 7.23
N LEU B 254 20.43 1.25 6.86
CA LEU B 254 19.77 0.04 7.33
C LEU B 254 20.42 -1.16 6.64
N THR B 255 20.72 -1.00 5.36
CA THR B 255 21.42 -2.03 4.60
C THR B 255 22.79 -2.30 5.21
N ASN B 256 23.46 -1.23 5.65
CA ASN B 256 24.78 -1.35 6.27
C ASN B 256 24.78 -2.26 7.48
N ALA B 257 23.73 -2.14 8.29
CA ALA B 257 23.58 -2.96 9.49
C ALA B 257 23.52 -4.46 9.16
N LEU B 258 22.62 -4.84 8.27
CA LEU B 258 22.41 -6.25 7.94
C LEU B 258 23.58 -6.86 7.17
N GLN B 259 24.27 -6.04 6.40
CA GLN B 259 25.38 -6.54 5.59
C GLN B 259 26.68 -6.73 6.37
N HIS B 260 26.95 -5.83 7.32
CA HIS B 260 28.27 -5.74 7.92
C HIS B 260 28.30 -6.10 9.41
N ALA B 261 27.24 -5.77 10.14
CA ALA B 261 27.27 -5.84 11.60
C ALA B 261 27.33 -7.29 12.08
N PHE B 262 27.01 -8.23 11.19
CA PHE B 262 26.84 -9.63 11.59
C PHE B 262 27.67 -10.54 10.68
N SER B 267 23.02 -14.65 15.53
CA SER B 267 21.78 -13.94 15.82
C SER B 267 22.03 -12.45 15.97
N GLY B 268 20.99 -11.65 15.81
CA GLY B 268 21.09 -10.20 15.94
C GLY B 268 19.77 -9.49 16.04
N VAL B 269 19.83 -8.19 16.30
CA VAL B 269 18.66 -7.34 16.36
C VAL B 269 18.95 -6.01 15.68
N VAL B 270 18.02 -5.57 14.82
CA VAL B 270 18.05 -4.21 14.28
C VAL B 270 16.80 -3.45 14.67
N GLN B 271 16.97 -2.18 15.05
CA GLN B 271 15.84 -1.31 15.36
C GLN B 271 15.91 -0.03 14.55
N LEU B 272 14.84 0.22 13.82
CA LEU B 272 14.62 1.48 13.09
C LEU B 272 13.57 2.28 13.85
N ARG B 273 13.89 3.51 14.22
CA ARG B 273 12.91 4.39 14.86
C ARG B 273 12.74 5.69 14.10
N SER B 274 11.50 6.19 14.11
CA SER B 274 11.17 7.48 13.52
C SER B 274 10.17 8.20 14.42
N SER B 275 10.66 9.18 15.18
CA SER B 275 9.88 9.84 16.22
C SER B 275 9.74 11.33 15.93
N VAL B 276 8.51 11.82 15.96
CA VAL B 276 8.28 13.26 15.91
C VAL B 276 8.42 13.86 17.30
N MET B 277 9.24 14.91 17.40
CA MET B 277 9.49 15.59 18.66
C MET B 277 8.92 16.99 18.64
N SER B 278 9.47 17.87 19.49
CA SER B 278 8.98 19.24 19.58
C SER B 278 9.57 20.08 18.46
N GLY B 279 8.82 21.09 18.04
CA GLY B 279 9.26 21.99 16.99
C GLY B 279 9.28 21.29 15.64
N GLU B 280 8.37 20.33 15.47
CA GLU B 280 8.28 19.54 14.25
C GLU B 280 9.60 18.83 13.90
N GLN B 281 10.46 18.64 14.90
CA GLN B 281 11.70 17.90 14.68
C GLN B 281 11.49 16.38 14.64
N LEU B 282 11.83 15.79 13.49
CA LEU B 282 11.79 14.34 13.30
C LEU B 282 13.17 13.73 13.54
N ARG B 283 13.22 12.67 14.35
CA ARG B 283 14.43 11.91 14.60
C ARG B 283 14.37 10.50 14.03
N VAL B 284 15.33 10.20 13.16
CA VAL B 284 15.48 8.88 12.56
C VAL B 284 16.71 8.17 13.13
N THR B 285 16.48 6.98 13.66
CA THR B 285 17.52 6.17 14.31
C THR B 285 17.67 4.79 13.66
N VAL B 286 18.91 4.32 13.52
CA VAL B 286 19.18 2.92 13.17
C VAL B 286 20.15 2.30 14.17
N GLU B 287 19.72 1.21 14.79
CA GLU B 287 20.41 0.62 15.94
C GLU B 287 20.82 -0.82 15.73
N ASP B 288 22.09 -1.13 15.96
CA ASP B 288 22.55 -2.52 16.01
C ASP B 288 22.92 -2.92 17.43
N ASP B 289 22.95 -4.22 17.68
CA ASP B 289 23.62 -4.77 18.87
C ASP B 289 24.80 -5.63 18.42
N GLY B 290 25.18 -5.47 17.15
CA GLY B 290 26.19 -6.30 16.52
C GLY B 290 27.63 -5.81 16.68
N ARG B 291 28.35 -5.89 15.57
CA ARG B 291 29.81 -5.92 15.55
C ARG B 291 30.43 -4.55 15.80
N GLY B 292 29.74 -3.49 15.39
CA GLY B 292 30.24 -2.13 15.55
C GLY B 292 31.03 -1.68 14.34
N ILE B 293 30.99 -0.38 14.06
CA ILE B 293 31.81 0.18 12.99
C ILE B 293 33.27 0.24 13.42
N PRO B 294 34.20 -0.28 12.59
CA PRO B 294 35.62 -0.20 12.94
C PRO B 294 36.05 1.20 13.39
N GLU B 295 36.96 1.26 14.36
CA GLU B 295 37.33 2.53 14.98
C GLU B 295 38.11 3.42 14.01
N ASP B 296 39.03 2.82 13.27
CA ASP B 296 39.79 3.53 12.24
C ASP B 296 38.87 4.21 11.22
N CYS B 297 37.76 3.56 10.90
CA CYS B 297 36.80 4.08 9.93
C CYS B 297 35.90 5.12 10.59
N ASP B 298 35.96 6.35 10.09
CA ASP B 298 35.18 7.47 10.62
C ASP B 298 33.99 7.73 9.69
N TRP B 299 33.14 6.70 9.58
CA TRP B 299 31.98 6.74 8.72
C TRP B 299 31.02 7.83 9.19
N PRO B 300 30.39 8.56 8.26
CA PRO B 300 30.43 8.44 6.80
C PRO B 300 31.45 9.35 6.12
N ASN B 301 32.33 10.00 6.88
CA ASN B 301 33.39 10.79 6.26
C ASN B 301 34.38 9.92 5.50
N GLU B 302 34.64 8.74 6.04
CA GLU B 302 35.44 7.73 5.34
C GLU B 302 34.52 6.57 4.97
N GLY B 303 34.79 5.94 3.82
CA GLY B 303 34.08 4.74 3.44
C GLY B 303 34.10 4.54 1.96
N ASN B 304 33.13 3.77 1.46
CA ASN B 304 33.00 3.49 0.05
C ASN B 304 31.82 4.32 -0.42
N LEU B 305 31.17 3.93 -1.51
CA LEU B 305 30.19 4.81 -2.15
C LEU B 305 29.02 5.14 -1.20
N GLY B 306 28.61 4.16 -0.41
CA GLY B 306 27.55 4.36 0.57
C GLY B 306 27.71 5.56 1.50
N SER B 307 28.91 5.75 2.01
CA SER B 307 29.19 6.83 2.96
C SER B 307 29.03 8.19 2.31
N ARG B 308 29.36 8.27 1.02
CA ARG B 308 29.24 9.50 0.25
C ARG B 308 27.78 9.88 0.00
N ILE B 309 26.94 8.90 -0.32
CA ILE B 309 25.50 9.10 -0.49
C ILE B 309 24.87 9.75 0.74
N VAL B 310 25.14 9.18 1.92
CA VAL B 310 24.54 9.64 3.17
C VAL B 310 24.80 11.11 3.49
N ARG B 311 26.02 11.57 3.27
CA ARG B 311 26.40 12.95 3.59
C ARG B 311 25.65 13.95 2.72
N GLN B 312 25.36 13.55 1.49
CA GLN B 312 24.67 14.42 0.54
C GLN B 312 23.21 14.60 0.93
N LEU B 313 22.53 13.49 1.20
CA LEU B 313 21.10 13.54 1.50
C LEU B 313 20.83 14.31 2.79
N VAL B 314 21.71 14.15 3.78
CA VAL B 314 21.61 14.90 5.02
C VAL B 314 21.69 16.39 4.72
N GLN B 315 22.55 16.74 3.77
CA GLN B 315 22.73 18.14 3.42
C GLN B 315 21.48 18.63 2.72
N GLY B 316 20.90 17.79 1.86
CA GLY B 316 19.69 18.17 1.17
C GLY B 316 18.52 18.27 2.13
N LEU B 317 18.63 17.58 3.26
CA LEU B 317 17.55 17.57 4.24
C LEU B 317 17.67 18.66 5.31
N GLY B 318 18.80 19.35 5.34
CA GLY B 318 19.08 20.31 6.39
C GLY B 318 19.20 19.64 7.75
N ALA B 319 19.61 18.37 7.76
CA ALA B 319 19.61 17.55 8.97
C ALA B 319 20.94 17.53 9.69
N GLU B 320 20.95 16.90 10.87
CA GLU B 320 22.14 16.68 11.67
C GLU B 320 22.28 15.19 11.92
N LEU B 321 23.46 14.65 11.63
CA LEU B 321 23.76 13.24 11.86
C LEU B 321 24.73 13.03 13.01
N ASN B 322 24.49 11.97 13.77
CA ASN B 322 25.36 11.57 14.88
C ASN B 322 25.52 10.07 14.90
N VAL B 323 26.66 9.60 15.40
CA VAL B 323 26.98 8.16 15.43
C VAL B 323 27.61 7.77 16.76
N THR B 324 27.29 6.57 17.21
CA THR B 324 27.75 6.07 18.51
C THR B 324 28.32 4.66 18.35
N THR B 328 29.22 -2.93 21.65
CA THR B 328 27.81 -3.00 22.04
C THR B 328 26.88 -2.68 20.88
N GLY B 329 27.46 -2.16 19.79
CA GLY B 329 26.76 -2.07 18.52
C GLY B 329 26.91 -0.69 17.90
N THR B 330 26.17 -0.45 16.81
CA THR B 330 26.17 0.85 16.15
C THR B 330 24.82 1.54 16.30
N ILE B 331 24.85 2.77 16.77
CA ILE B 331 23.67 3.63 16.83
C ILE B 331 23.89 4.88 15.98
N VAL B 332 23.03 5.07 14.99
CA VAL B 332 23.06 6.24 14.13
C VAL B 332 21.83 7.07 14.40
N ASN B 333 21.99 8.38 14.56
CA ASN B 333 20.87 9.28 14.81
C ASN B 333 20.89 10.49 13.89
N ILE B 334 19.80 10.67 13.15
CA ILE B 334 19.61 11.83 12.31
C ILE B 334 18.44 12.66 12.86
N ASP B 335 18.71 13.90 13.22
CA ASP B 335 17.66 14.82 13.67
C ASP B 335 17.24 15.73 12.52
N ILE B 336 15.96 15.67 12.17
CA ILE B 336 15.42 16.33 10.99
C ILE B 336 14.32 17.34 11.34
N PRO B 337 14.43 18.59 10.86
CA PRO B 337 13.42 19.62 11.12
C PRO B 337 12.32 19.63 10.06
N LEU B 338 11.17 19.01 10.35
CA LEU B 338 10.08 18.97 9.39
C LEU B 338 9.48 20.35 9.14
N SER B 339 9.63 21.27 10.11
CA SER B 339 9.12 22.61 9.94
C SER B 339 9.86 23.36 8.83
N GLN B 340 11.15 23.06 8.66
CA GLN B 340 11.96 23.77 7.69
C GLN B 340 12.02 23.08 6.33
N GLN B 341 11.27 21.99 6.18
CA GLN B 341 11.34 21.21 4.95
C GLN B 341 10.68 21.99 3.83
N LYS B 342 9.55 22.60 4.17
CA LYS B 342 8.82 23.47 3.26
C LYS B 342 9.73 24.56 2.68
#